data_7OEF
#
_entry.id   7OEF
#
_cell.length_a   63.823
_cell.length_b   63.823
_cell.length_c   225.300
_cell.angle_alpha   90.000
_cell.angle_beta   90.000
_cell.angle_gamma   120.000
#
_symmetry.space_group_name_H-M   'P 32 2 1'
#
loop_
_entity.id
_entity.type
_entity.pdbx_description
1 polymer 'N6-adenosine-methyltransferase catalytic subunit'
2 polymer 'N6-adenosine-methyltransferase non-catalytic subunit'
3 non-polymer 4-(2-azaspiro[3.4]octan-2-ylmethyl)-~{N}-[[(3~{R})-3-oxidanyl-1-[6-[(phenylmethyl)amino]pyrimidin-4-yl]piperidin-3-yl]methyl]benzamide
4 non-polymer 'ACETATE ION'
5 water water
#
loop_
_entity_poly.entity_id
_entity_poly.type
_entity_poly.pdbx_seq_one_letter_code
_entity_poly.pdbx_strand_id
1 'polypeptide(L)'
;MGHHHHHHSSGRENLYFQGALTQSVGGDSSADRLFPPQWICCDIRYLDVSILGKFAVVMADPPWDIHMELPYGTLTDDEM
RRLNIPVLQDDGFLFLWVTGRAMELGRECLNLWGYERVDEIIWVKTNQLQRIIRTGRTGHWLNHGKEHCLVGVKGNPQGF
NQGLDCDVIVAEVRSTSHKPDEIYGMIERLSPGTRKIELFGRPHNVQPNWITLGNQLDGIHLLDPDVVARFKQRYPDGII
SKPKNL
;
A
2 'polypeptide(L)'
;MLKGTQSLNPHNDYCQHFVDTGHRPQNFIRDVGLADRFEEYPKLRELIRLKDELIAKSNTPPMYLQADIEAFDIRELTPK
FDVILLEPPLEEYYRETGITANEKCWTWDDIMKLEIDEIAAPRSFIFLWCGSGEGLDLGRVCLRKWGYRRCEDICWIKTN
KNNPGKTKTLDPKAVFQRTKEHCLMGIKGTVKRSTDGDFIHANVDIDLIITEEPEIGNIEKPVEIFHIIEHFCLGRRRLH
LFGRDSTIRPGWLTVGPTLTNSNYNAETYASYFSAPNSYLTGCTEEIERL
;
B
#
loop_
_chem_comp.id
_chem_comp.type
_chem_comp.name
_chem_comp.formula
ACT non-polymer 'ACETATE ION' 'C2 H3 O2 -1'
VAT non-polymer 4-(2-azaspiro[3.4]octan-2-ylmethyl)-~{N}-[[(3~{R})-3-oxidanyl-1-[6-[(phenylmethyl)amino]pyrimidin-4-yl]piperidin-3-yl]methyl]benzamide 'C32 H40 N6 O2'
#
# COMPACT_ATOMS: atom_id res chain seq x y z
N LEU A 34 7.27 -17.32 28.40
CA LEU A 34 8.18 -16.86 29.44
C LEU A 34 9.02 -15.69 29.01
N PHE A 35 8.85 -14.60 29.76
CA PHE A 35 9.21 -13.25 29.35
C PHE A 35 10.49 -13.13 28.53
N PRO A 36 11.65 -13.67 28.91
CA PRO A 36 12.90 -13.33 28.18
C PRO A 36 12.93 -13.92 26.79
N PRO A 37 13.76 -13.37 25.89
CA PRO A 37 13.77 -13.81 24.48
C PRO A 37 14.06 -15.30 24.34
N GLN A 38 13.38 -15.94 23.38
CA GLN A 38 13.62 -17.34 23.05
C GLN A 38 13.71 -17.45 21.54
N TRP A 39 14.38 -18.50 21.07
CA TRP A 39 14.55 -18.64 19.63
C TRP A 39 14.94 -20.07 19.27
N ILE A 40 14.66 -20.42 18.01
CA ILE A 40 14.98 -21.73 17.45
C ILE A 40 15.63 -21.51 16.10
N CYS A 41 16.89 -21.91 15.96
CA CYS A 41 17.51 -22.01 14.65
C CYS A 41 16.85 -23.16 13.92
N CYS A 42 16.31 -22.91 12.73
CA CYS A 42 15.58 -23.98 12.05
C CYS A 42 15.24 -23.58 10.63
N ASP A 43 14.84 -24.57 9.87
CA ASP A 43 14.20 -24.36 8.59
C ASP A 43 12.71 -24.27 8.85
N ILE A 44 12.14 -23.07 8.68
CA ILE A 44 10.75 -22.89 8.98
C ILE A 44 9.86 -23.79 8.14
N ARG A 45 10.34 -24.19 6.95
CA ARG A 45 9.58 -25.15 6.14
C ARG A 45 9.37 -26.46 6.89
N TYR A 46 10.37 -26.89 7.64
CA TYR A 46 10.40 -28.25 8.18
C TYR A 46 10.10 -28.34 9.66
N LEU A 47 10.04 -27.22 10.38
CA LEU A 47 9.76 -27.27 11.81
C LEU A 47 8.30 -27.60 12.06
N ASP A 48 8.05 -28.42 13.08
CA ASP A 48 6.71 -28.76 13.51
C ASP A 48 6.28 -27.68 14.49
N VAL A 49 5.63 -26.63 13.97
CA VAL A 49 5.29 -25.49 14.80
C VAL A 49 4.14 -25.77 15.76
N SER A 50 3.47 -26.92 15.64
CA SER A 50 2.41 -27.23 16.61
C SER A 50 2.97 -27.36 18.02
N ILE A 51 4.28 -27.57 18.18
CA ILE A 51 4.83 -27.64 19.54
C ILE A 51 4.95 -26.27 20.20
N LEU A 52 4.73 -25.18 19.47
CA LEU A 52 4.95 -23.85 20.02
C LEU A 52 3.73 -23.27 20.74
N GLY A 53 2.53 -23.86 20.59
CA GLY A 53 1.37 -23.30 21.25
C GLY A 53 0.75 -22.16 20.44
N LYS A 54 -0.14 -21.41 21.10
CA LYS A 54 -0.83 -20.31 20.44
C LYS A 54 -0.24 -18.97 20.85
N PHE A 55 -0.32 -18.01 19.93
CA PHE A 55 0.29 -16.69 20.13
C PHE A 55 -0.72 -15.59 19.82
N ALA A 56 -0.61 -14.49 20.56
CA ALA A 56 -1.52 -13.38 20.33
C ALA A 56 -1.16 -12.62 19.06
N VAL A 57 0.11 -12.61 18.70
CA VAL A 57 0.59 -11.89 17.53
C VAL A 57 1.61 -12.76 16.84
N VAL A 58 1.51 -12.83 15.51
CA VAL A 58 2.52 -13.47 14.66
C VAL A 58 3.11 -12.38 13.79
N MET A 59 4.42 -12.38 13.63
CA MET A 59 5.03 -11.52 12.63
C MET A 59 5.97 -12.34 11.73
N ALA A 60 5.91 -12.08 10.44
CA ALA A 60 6.71 -12.79 9.46
C ALA A 60 7.36 -11.80 8.52
N ASP A 61 8.60 -12.07 8.15
CA ASP A 61 9.31 -11.23 7.18
C ASP A 61 9.91 -12.17 6.15
N PRO A 62 9.06 -12.76 5.29
CA PRO A 62 9.49 -13.93 4.54
C PRO A 62 10.47 -13.58 3.43
N PRO A 63 11.35 -14.51 3.06
CA PRO A 63 12.21 -14.35 1.87
C PRO A 63 11.45 -14.67 0.60
N TRP A 64 10.58 -13.73 0.22
CA TRP A 64 9.74 -13.92 -0.94
C TRP A 64 10.58 -14.11 -2.20
N ASP A 65 10.08 -14.92 -3.11
CA ASP A 65 10.78 -15.14 -4.37
C ASP A 65 10.31 -14.11 -5.39
N ILE A 66 10.88 -12.91 -5.29
CA ILE A 66 10.46 -11.80 -6.12
C ILE A 66 11.58 -11.40 -7.09
N TYR A 72 20.31 -17.38 -1.87
CA TYR A 72 19.75 -16.33 -1.03
C TYR A 72 18.91 -16.91 0.12
N GLY A 73 18.25 -18.03 -0.14
CA GLY A 73 17.44 -18.70 0.85
C GLY A 73 15.94 -18.48 0.75
N THR A 74 15.43 -18.13 -0.42
CA THR A 74 14.02 -17.83 -0.55
C THR A 74 13.15 -19.09 -0.53
N LEU A 75 11.86 -18.84 -0.40
CA LEU A 75 10.83 -19.85 -0.45
C LEU A 75 10.05 -19.65 -1.73
N THR A 76 9.65 -20.74 -2.38
CA THR A 76 8.77 -20.60 -3.52
C THR A 76 7.40 -20.16 -3.04
N ASP A 77 6.59 -19.66 -3.98
CA ASP A 77 5.21 -19.33 -3.65
C ASP A 77 4.50 -20.50 -3.00
N ASP A 78 4.70 -21.72 -3.51
CA ASP A 78 3.98 -22.84 -2.94
C ASP A 78 4.46 -23.16 -1.54
N GLU A 79 5.75 -22.99 -1.27
CA GLU A 79 6.26 -23.20 0.08
C GLU A 79 5.66 -22.21 1.05
N MET A 80 5.58 -20.93 0.64
CA MET A 80 4.93 -19.93 1.48
C MET A 80 3.48 -20.33 1.76
N ARG A 81 2.75 -20.73 0.73
CA ARG A 81 1.33 -21.05 0.92
C ARG A 81 1.18 -22.19 1.90
N ARG A 82 2.09 -23.15 1.88
CA ARG A 82 1.94 -24.33 2.71
C ARG A 82 2.49 -24.15 4.11
N LEU A 83 3.12 -23.01 4.44
CA LEU A 83 3.54 -22.78 5.82
C LEU A 83 2.38 -22.98 6.77
N ASN A 84 2.64 -23.70 7.87
CA ASN A 84 1.56 -24.04 8.79
C ASN A 84 1.22 -22.88 9.72
N ILE A 85 1.05 -21.67 9.18
CA ILE A 85 0.58 -20.51 9.93
C ILE A 85 -0.75 -20.80 10.65
N PRO A 86 -1.70 -21.55 10.04
CA PRO A 86 -3.01 -21.72 10.72
C PRO A 86 -2.94 -22.27 12.14
N VAL A 87 -1.95 -23.10 12.47
CA VAL A 87 -1.90 -23.66 13.83
C VAL A 87 -1.41 -22.65 14.87
N LEU A 88 -0.81 -21.56 14.45
CA LEU A 88 -0.15 -20.69 15.42
C LEU A 88 -1.09 -19.83 16.24
N GLN A 89 -2.30 -19.55 15.76
CA GLN A 89 -3.18 -18.66 16.50
C GLN A 89 -4.63 -19.15 16.46
N ASP A 90 -5.38 -18.79 17.51
CA ASP A 90 -6.83 -18.88 17.51
C ASP A 90 -7.53 -17.53 17.37
N ASP A 91 -7.05 -16.51 18.08
CA ASP A 91 -7.58 -15.16 17.97
C ASP A 91 -6.42 -14.20 18.14
N GLY A 92 -6.12 -13.45 17.09
CA GLY A 92 -5.05 -12.48 17.17
C GLY A 92 -4.70 -11.92 15.81
N PHE A 93 -3.49 -11.35 15.74
CA PHE A 93 -3.10 -10.54 14.61
C PHE A 93 -1.83 -11.09 13.98
N LEU A 94 -1.75 -10.97 12.66
CA LEU A 94 -0.59 -11.33 11.87
C LEU A 94 -0.02 -10.08 11.23
N PHE A 95 1.30 -9.90 11.34
CA PHE A 95 2.04 -8.81 10.72
C PHE A 95 2.96 -9.41 9.66
N LEU A 96 2.76 -9.01 8.39
CA LEU A 96 3.37 -9.69 7.24
C LEU A 96 4.06 -8.68 6.33
N TRP A 97 5.38 -8.67 6.33
CA TRP A 97 6.11 -7.73 5.48
C TRP A 97 6.04 -8.17 4.03
N VAL A 98 5.78 -7.21 3.15
CA VAL A 98 5.59 -7.48 1.73
C VAL A 98 6.31 -6.41 0.91
N THR A 99 6.73 -6.81 -0.30
CA THR A 99 7.24 -5.84 -1.27
C THR A 99 7.09 -6.45 -2.65
N GLY A 100 7.14 -5.60 -3.66
CA GLY A 100 7.01 -6.07 -5.03
C GLY A 100 5.74 -6.86 -5.22
N ARG A 101 5.85 -8.02 -5.89
CA ARG A 101 4.63 -8.76 -6.16
C ARG A 101 4.14 -9.52 -4.94
N ALA A 102 4.94 -9.57 -3.87
CA ALA A 102 4.44 -10.11 -2.62
C ALA A 102 3.41 -9.18 -1.98
N MET A 103 3.24 -7.96 -2.49
CA MET A 103 2.09 -7.19 -2.08
C MET A 103 0.80 -7.93 -2.40
N GLU A 104 0.78 -8.63 -3.54
CA GLU A 104 -0.37 -9.44 -3.91
C GLU A 104 -0.26 -10.85 -3.33
N LEU A 105 0.89 -11.50 -3.47
CA LEU A 105 1.04 -12.86 -2.99
C LEU A 105 0.90 -12.94 -1.48
N GLY A 106 1.37 -11.91 -0.77
CA GLY A 106 1.17 -11.88 0.67
C GLY A 106 -0.30 -11.78 1.04
N ARG A 107 -1.08 -11.03 0.26
CA ARG A 107 -2.52 -10.99 0.51
C ARG A 107 -3.14 -12.36 0.30
N GLU A 108 -2.65 -13.09 -0.72
CA GLU A 108 -3.14 -14.44 -0.96
C GLU A 108 -2.81 -15.35 0.22
N CYS A 109 -1.55 -15.38 0.63
CA CYS A 109 -1.16 -16.21 1.77
C CYS A 109 -1.97 -15.85 2.99
N LEU A 110 -2.06 -14.56 3.28
CA LEU A 110 -2.83 -14.08 4.41
C LEU A 110 -4.25 -14.67 4.40
N ASN A 111 -4.92 -14.59 3.25
CA ASN A 111 -6.28 -15.13 3.12
C ASN A 111 -6.29 -16.66 3.20
N LEU A 112 -5.34 -17.34 2.53
CA LEU A 112 -5.32 -18.80 2.61
C LEU A 112 -5.13 -19.27 4.04
N TRP A 113 -4.28 -18.59 4.81
CA TRP A 113 -4.02 -19.00 6.19
C TRP A 113 -5.17 -18.68 7.12
N GLY A 114 -6.23 -18.05 6.62
CA GLY A 114 -7.40 -17.75 7.44
C GLY A 114 -7.45 -16.37 8.06
N TYR A 115 -6.72 -15.39 7.53
CA TYR A 115 -6.73 -14.05 8.07
C TYR A 115 -7.49 -13.13 7.11
N GLU A 116 -8.09 -12.08 7.66
CA GLU A 116 -8.57 -10.95 6.87
C GLU A 116 -7.59 -9.79 7.02
N ARG A 117 -7.20 -9.16 5.91
CA ARG A 117 -6.30 -8.00 6.04
C ARG A 117 -7.13 -6.79 6.49
N VAL A 118 -6.79 -6.22 7.64
CA VAL A 118 -7.55 -5.12 8.25
C VAL A 118 -6.72 -3.84 8.42
N ASP A 119 -5.43 -3.86 8.13
CA ASP A 119 -4.65 -2.64 8.18
C ASP A 119 -3.41 -2.86 7.36
N GLU A 120 -2.72 -1.76 7.06
CA GLU A 120 -1.47 -1.86 6.31
C GLU A 120 -0.55 -0.78 6.84
N ILE A 121 0.51 -1.20 7.52
CA ILE A 121 1.50 -0.28 8.05
C ILE A 121 2.49 0.07 6.96
N ILE A 122 2.91 1.33 6.88
CA ILE A 122 4.07 1.65 6.05
C ILE A 122 5.14 2.27 6.94
N TRP A 123 6.36 1.89 6.68
CA TRP A 123 7.52 2.49 7.32
C TRP A 123 8.18 3.42 6.32
N VAL A 124 8.11 4.72 6.59
CA VAL A 124 8.82 5.70 5.78
C VAL A 124 10.28 5.73 6.22
N LYS A 125 11.18 5.46 5.29
CA LYS A 125 12.60 5.28 5.59
C LYS A 125 13.32 6.62 5.53
N THR A 126 13.88 7.05 6.66
CA THR A 126 14.59 8.32 6.71
C THR A 126 16.07 8.06 7.00
N ASN A 127 16.89 9.08 6.75
CA ASN A 127 18.24 9.11 7.27
C ASN A 127 18.21 9.60 8.72
N GLN A 128 19.38 9.93 9.27
CA GLN A 128 19.46 10.40 10.64
C GLN A 128 19.04 11.86 10.80
N LEU A 129 18.80 12.57 9.70
CA LEU A 129 18.26 13.94 9.75
C LEU A 129 16.78 13.99 9.36
N GLN A 130 16.08 12.84 9.41
CA GLN A 130 14.64 12.77 9.16
C GLN A 130 14.28 13.18 7.73
N ARG A 131 15.11 12.77 6.77
CA ARG A 131 14.86 13.02 5.35
C ARG A 131 14.63 11.69 4.66
N ILE A 132 13.69 11.66 3.71
CA ILE A 132 13.34 10.41 3.07
C ILE A 132 14.48 9.97 2.17
N ILE A 133 14.87 8.71 2.29
CA ILE A 133 15.83 8.08 1.37
C ILE A 133 15.32 8.15 -0.08
N HIS A 140 10.32 0.27 -10.04
CA HIS A 140 10.57 0.48 -11.47
C HIS A 140 10.19 1.87 -11.98
N TRP A 141 8.92 2.28 -11.81
CA TRP A 141 8.48 3.58 -12.31
C TRP A 141 8.76 4.72 -11.35
N LEU A 142 8.82 4.42 -10.06
CA LEU A 142 9.00 5.40 -9.01
C LEU A 142 10.09 4.90 -8.08
N ASN A 143 10.81 5.83 -7.47
CA ASN A 143 11.70 5.45 -6.38
C ASN A 143 10.86 5.15 -5.14
N HIS A 144 11.36 4.24 -4.31
CA HIS A 144 10.59 3.71 -3.19
C HIS A 144 11.06 4.36 -1.89
N GLY A 145 10.16 5.06 -1.22
CA GLY A 145 10.46 5.64 0.06
C GLY A 145 9.93 4.90 1.27
N LYS A 146 9.46 3.66 1.12
CA LYS A 146 8.71 3.02 2.19
C LYS A 146 8.74 1.50 2.04
N GLU A 147 8.49 0.81 3.16
CA GLU A 147 8.20 -0.63 3.21
C GLU A 147 6.80 -0.85 3.73
N HIS A 148 6.17 -1.94 3.31
CA HIS A 148 4.80 -2.26 3.66
C HIS A 148 4.73 -3.47 4.59
N CYS A 149 3.84 -3.42 5.57
CA CYS A 149 3.56 -4.54 6.45
C CYS A 149 2.06 -4.71 6.55
N LEU A 150 1.56 -5.81 5.98
CA LEU A 150 0.14 -6.11 6.07
C LEU A 150 -0.21 -6.52 7.50
N VAL A 151 -1.41 -6.16 7.93
CA VAL A 151 -1.91 -6.55 9.24
C VAL A 151 -3.18 -7.36 9.03
N GLY A 152 -3.13 -8.64 9.41
CA GLY A 152 -4.27 -9.54 9.30
C GLY A 152 -4.85 -9.85 10.66
N VAL A 153 -6.15 -10.13 10.69
CA VAL A 153 -6.83 -10.56 11.91
C VAL A 153 -7.41 -11.95 11.69
N LYS A 154 -7.34 -12.77 12.74
CA LYS A 154 -7.93 -14.10 12.78
C LYS A 154 -8.84 -14.19 13.99
N GLY A 155 -10.04 -14.75 13.79
CA GLY A 155 -11.00 -14.86 14.88
C GLY A 155 -11.43 -13.50 15.37
N ASN A 156 -11.66 -13.42 16.68
CA ASN A 156 -12.15 -12.20 17.32
C ASN A 156 -11.29 -11.86 18.53
N PRO A 157 -10.19 -11.14 18.33
CA PRO A 157 -9.33 -10.81 19.46
C PRO A 157 -10.02 -9.86 20.43
N GLN A 158 -9.88 -10.15 21.71
CA GLN A 158 -10.46 -9.34 22.77
C GLN A 158 -9.38 -8.82 23.69
N GLY A 159 -9.50 -7.56 24.08
CA GLY A 159 -8.58 -6.98 25.05
C GLY A 159 -7.31 -6.45 24.44
N PHE A 160 -7.30 -6.22 23.14
CA PHE A 160 -6.19 -5.55 22.52
C PHE A 160 -6.47 -4.06 22.51
N ASN A 161 -5.39 -3.28 22.47
CA ASN A 161 -5.49 -1.82 22.54
C ASN A 161 -5.44 -1.23 21.14
N GLN A 162 -6.52 -1.50 20.40
CA GLN A 162 -6.60 -1.02 19.03
C GLN A 162 -6.73 0.50 19.00
N GLY A 163 -6.02 1.14 18.07
CA GLY A 163 -6.08 2.59 17.92
C GLY A 163 -5.04 3.39 18.69
N LEU A 164 -4.15 2.73 19.43
CA LEU A 164 -3.12 3.47 20.17
C LEU A 164 -2.09 4.07 19.21
N ASP A 165 -1.63 3.29 18.24
CA ASP A 165 -0.67 3.82 17.28
C ASP A 165 -1.33 4.11 15.94
N CYS A 166 -0.62 4.85 15.11
CA CYS A 166 -1.11 5.01 13.76
CA CYS A 166 -0.96 5.15 13.72
C CYS A 166 -0.33 4.11 12.80
N ASP A 167 -0.81 4.08 11.55
CA ASP A 167 -0.28 3.14 10.58
C ASP A 167 0.90 3.66 9.79
N VAL A 168 1.56 4.73 10.25
CA VAL A 168 2.78 5.19 9.59
C VAL A 168 3.92 5.15 10.59
N ILE A 169 5.01 4.47 10.21
CA ILE A 169 6.26 4.47 10.96
C ILE A 169 7.25 5.37 10.25
N VAL A 170 7.86 6.29 10.99
CA VAL A 170 8.93 7.13 10.47
C VAL A 170 10.17 6.78 11.27
N ALA A 171 11.15 6.15 10.64
CA ALA A 171 12.30 5.64 11.39
C ALA A 171 13.50 5.49 10.48
N GLU A 172 14.68 5.58 11.09
CA GLU A 172 15.94 5.51 10.35
C GLU A 172 16.19 4.10 9.86
N VAL A 173 16.53 4.00 8.57
CA VAL A 173 16.99 2.74 8.01
C VAL A 173 18.34 2.38 8.63
N ARG A 174 18.51 1.09 8.96
CA ARG A 174 19.80 0.60 9.42
C ARG A 174 20.38 -0.41 8.44
N SER A 175 20.78 -1.58 8.93
CA SER A 175 21.31 -2.59 8.05
C SER A 175 20.27 -2.98 7.00
N THR A 176 20.75 -3.58 5.91
CA THR A 176 19.84 -4.04 4.86
C THR A 176 18.87 -5.08 5.40
N SER A 177 17.62 -5.00 4.97
CA SER A 177 16.59 -5.96 5.31
C SER A 177 16.20 -5.92 6.78
N HIS A 178 16.74 -4.98 7.55
CA HIS A 178 16.46 -4.89 8.98
C HIS A 178 15.19 -4.06 9.21
N LYS A 179 14.17 -4.70 9.78
CA LYS A 179 12.91 -4.01 10.08
C LYS A 179 13.13 -2.98 11.21
N PRO A 180 12.28 -1.95 11.30
CA PRO A 180 12.46 -0.95 12.35
C PRO A 180 12.02 -1.49 13.69
N ASP A 181 12.76 -1.13 14.76
CA ASP A 181 12.43 -1.64 16.10
C ASP A 181 11.12 -1.08 16.62
N GLU A 182 10.66 0.04 16.05
CA GLU A 182 9.37 0.61 16.45
C GLU A 182 8.23 -0.40 16.38
N ILE A 183 8.28 -1.36 15.43
CA ILE A 183 7.16 -2.28 15.26
C ILE A 183 6.93 -3.09 16.53
N TYR A 184 8.00 -3.45 17.25
CA TYR A 184 7.81 -4.23 18.48
C TYR A 184 7.10 -3.42 19.55
N GLY A 185 7.42 -2.13 19.65
CA GLY A 185 6.74 -1.28 20.64
C GLY A 185 5.27 -1.10 20.31
N MET A 186 4.96 -0.85 19.03
CA MET A 186 3.59 -0.85 18.53
C MET A 186 2.87 -2.12 18.91
N ILE A 187 3.52 -3.26 18.67
CA ILE A 187 2.86 -4.53 18.92
C ILE A 187 2.70 -4.76 20.44
N GLU A 188 3.72 -4.38 21.22
CA GLU A 188 3.59 -4.46 22.68
C GLU A 188 2.46 -3.58 23.21
N ARG A 189 2.33 -2.35 22.72
CA ARG A 189 1.23 -1.53 23.22
C ARG A 189 -0.11 -2.11 22.80
N LEU A 190 -0.13 -2.76 21.63
CA LEU A 190 -1.37 -3.33 21.10
C LEU A 190 -1.79 -4.54 21.92
N SER A 191 -0.81 -5.32 22.39
CA SER A 191 -1.08 -6.58 23.08
C SER A 191 -0.01 -6.75 24.18
N PRO A 192 -0.15 -6.02 25.28
CA PRO A 192 0.91 -6.05 26.31
C PRO A 192 0.96 -7.39 27.04
N GLY A 193 2.18 -7.90 27.19
CA GLY A 193 2.46 -9.08 27.99
C GLY A 193 2.11 -10.43 27.37
N THR A 194 1.51 -10.45 26.17
CA THR A 194 1.11 -11.71 25.55
C THR A 194 2.28 -12.39 24.84
N ARG A 195 2.11 -13.68 24.52
CA ARG A 195 3.07 -14.46 23.75
C ARG A 195 3.06 -14.08 22.27
N LYS A 196 4.25 -13.97 21.67
CA LYS A 196 4.38 -13.55 20.29
C LYS A 196 5.45 -14.40 19.59
N ILE A 197 5.29 -14.58 18.29
CA ILE A 197 6.24 -15.38 17.53
C ILE A 197 6.60 -14.63 16.26
N GLU A 198 7.89 -14.60 15.95
CA GLU A 198 8.41 -14.01 14.73
C GLU A 198 8.99 -15.10 13.84
N LEU A 199 8.61 -15.09 12.56
CA LEU A 199 9.13 -16.02 11.57
C LEU A 199 10.15 -15.33 10.67
N PHE A 200 11.25 -16.03 10.38
CA PHE A 200 12.34 -15.53 9.55
C PHE A 200 13.01 -14.33 10.19
N GLY A 201 13.10 -14.34 11.52
CA GLY A 201 13.87 -13.34 12.21
C GLY A 201 15.35 -13.65 12.23
N ARG A 202 16.12 -12.66 12.65
CA ARG A 202 17.57 -12.79 12.76
C ARG A 202 17.95 -12.54 14.21
N PRO A 203 19.22 -12.73 14.59
CA PRO A 203 19.55 -12.61 16.02
C PRO A 203 19.20 -11.27 16.63
N HIS A 204 19.42 -10.16 15.90
CA HIS A 204 19.06 -8.83 16.41
C HIS A 204 17.56 -8.69 16.66
N ASN A 205 16.73 -9.61 16.19
CA ASN A 205 15.29 -9.48 16.33
C ASN A 205 14.75 -10.03 17.64
N VAL A 206 15.55 -10.79 18.40
CA VAL A 206 15.02 -11.47 19.58
C VAL A 206 14.57 -10.42 20.57
N GLN A 207 13.47 -10.71 21.28
CA GLN A 207 12.83 -9.75 22.15
C GLN A 207 12.16 -10.51 23.28
N PRO A 208 12.01 -9.89 24.45
CA PRO A 208 11.18 -10.50 25.48
C PRO A 208 9.75 -10.67 24.98
N ASN A 209 9.10 -11.73 25.45
CA ASN A 209 7.75 -12.09 25.07
C ASN A 209 7.68 -12.69 23.67
N TRP A 210 8.80 -12.72 22.94
CA TRP A 210 8.82 -13.30 21.60
C TRP A 210 9.67 -14.57 21.54
N ILE A 211 9.19 -15.53 20.75
CA ILE A 211 9.98 -16.66 20.25
C ILE A 211 10.33 -16.35 18.81
N THR A 212 11.61 -16.39 18.47
CA THR A 212 12.09 -16.03 17.14
C THR A 212 12.54 -17.26 16.37
N LEU A 213 12.07 -17.41 15.13
CA LEU A 213 12.46 -18.54 14.30
C LEU A 213 13.18 -18.03 13.07
N GLY A 214 14.26 -18.71 12.72
CA GLY A 214 15.08 -18.37 11.58
C GLY A 214 16.26 -19.31 11.50
N ASN A 215 16.82 -19.40 10.30
CA ASN A 215 17.92 -20.34 10.10
C ASN A 215 19.30 -19.69 10.30
N GLN A 216 19.37 -18.42 10.71
CA GLN A 216 20.63 -17.81 11.09
C GLN A 216 20.69 -17.48 12.57
N LEU A 217 19.79 -18.04 13.37
CA LEU A 217 19.90 -17.89 14.81
C LEU A 217 20.94 -18.85 15.36
N ASP A 218 21.38 -18.59 16.59
CA ASP A 218 22.43 -19.40 17.20
C ASP A 218 21.77 -20.48 18.04
N GLY A 219 21.59 -21.65 17.43
CA GLY A 219 21.08 -22.79 18.16
C GLY A 219 19.63 -22.63 18.62
N ILE A 220 19.31 -23.28 19.72
CA ILE A 220 17.97 -23.32 20.28
C ILE A 220 18.03 -22.82 21.72
N HIS A 221 17.17 -21.85 22.05
CA HIS A 221 17.15 -21.21 23.36
C HIS A 221 15.70 -21.11 23.81
N LEU A 222 15.23 -22.10 24.54
CA LEU A 222 13.84 -22.20 24.98
C LEU A 222 13.78 -22.18 26.50
N LEU A 223 12.92 -21.34 27.05
CA LEU A 223 12.76 -21.23 28.49
C LEU A 223 11.35 -21.53 28.95
N ASP A 224 10.35 -21.32 28.11
CA ASP A 224 8.98 -21.72 28.42
C ASP A 224 8.89 -23.23 28.68
N PRO A 225 8.54 -23.66 29.89
CA PRO A 225 8.47 -25.10 30.16
C PRO A 225 7.48 -25.87 29.30
N ASP A 226 6.29 -25.29 29.02
CA ASP A 226 5.37 -25.94 28.10
C ASP A 226 6.06 -26.23 26.77
N VAL A 227 6.76 -25.23 26.24
CA VAL A 227 7.43 -25.40 24.96
C VAL A 227 8.61 -26.35 25.08
N VAL A 228 9.44 -26.16 26.11
CA VAL A 228 10.58 -27.06 26.32
C VAL A 228 10.12 -28.51 26.35
N ALA A 229 9.02 -28.77 27.07
CA ALA A 229 8.52 -30.14 27.19
C ALA A 229 8.05 -30.68 25.84
N ARG A 230 7.26 -29.89 25.10
CA ARG A 230 6.79 -30.37 23.81
C ARG A 230 7.94 -30.49 22.81
N PHE A 231 8.94 -29.61 22.91
CA PHE A 231 10.09 -29.74 22.03
C PHE A 231 10.86 -31.02 22.29
N LYS A 232 11.04 -31.40 23.57
CA LYS A 232 11.77 -32.63 23.87
C LYS A 232 11.02 -33.87 23.38
N GLN A 233 9.70 -33.94 23.59
CA GLN A 233 8.91 -35.04 23.03
C GLN A 233 9.09 -35.14 21.53
N ARG A 234 8.80 -34.04 20.83
CA ARG A 234 8.81 -34.04 19.38
C ARG A 234 10.22 -34.24 18.81
N TYR A 235 11.25 -33.73 19.49
CA TYR A 235 12.62 -33.76 19.00
C TYR A 235 13.55 -34.29 20.09
N PRO A 236 13.43 -35.57 20.43
CA PRO A 236 14.21 -36.10 21.56
C PRO A 236 15.71 -36.03 21.36
N ASP A 237 16.19 -36.05 20.11
CA ASP A 237 17.62 -35.89 19.84
C ASP A 237 17.99 -34.45 19.49
N GLY A 238 17.06 -33.50 19.60
CA GLY A 238 17.34 -32.11 19.33
C GLY A 238 17.51 -31.74 17.87
N ILE A 239 17.10 -32.60 16.95
CA ILE A 239 17.35 -32.42 15.52
C ILE A 239 16.02 -32.16 14.82
N ILE A 240 16.05 -31.27 13.83
CA ILE A 240 14.84 -30.84 13.12
C ILE A 240 15.06 -31.08 11.62
N SER A 241 14.58 -32.22 11.13
CA SER A 241 14.77 -32.58 9.73
C SER A 241 13.43 -32.92 9.10
N LYS A 242 13.46 -33.16 7.78
CA LYS A 242 12.31 -33.66 7.02
C LYS A 242 11.08 -32.76 7.13
N ASN B 12 15.26 7.96 18.76
CA ASN B 12 13.98 8.54 19.14
C ASN B 12 12.83 7.86 18.40
N ASP B 13 11.79 7.51 19.14
CA ASP B 13 10.68 6.67 18.68
C ASP B 13 9.46 7.56 18.46
N TYR B 14 9.21 7.92 17.19
CA TYR B 14 8.06 8.77 16.89
C TYR B 14 6.73 8.03 17.06
N CYS B 15 6.72 6.69 17.05
CA CYS B 15 5.48 5.99 17.35
C CYS B 15 5.10 6.22 18.82
N GLN B 16 6.03 5.94 19.74
CA GLN B 16 5.83 6.30 21.15
C GLN B 16 5.46 7.77 21.29
N HIS B 17 6.17 8.64 20.57
CA HIS B 17 5.86 10.07 20.64
C HIS B 17 4.43 10.36 20.22
N PHE B 18 3.95 9.72 19.15
CA PHE B 18 2.56 9.93 18.75
C PHE B 18 1.61 9.50 19.85
N VAL B 19 1.92 8.38 20.51
CA VAL B 19 1.06 7.92 21.59
C VAL B 19 1.09 8.92 22.73
N ASP B 20 2.24 9.55 22.97
CA ASP B 20 2.38 10.50 24.07
C ASP B 20 1.75 11.86 23.77
N THR B 21 1.79 12.32 22.51
CA THR B 21 1.40 13.68 22.18
C THR B 21 0.27 13.79 21.17
N GLY B 22 0.03 12.78 20.33
CA GLY B 22 -0.94 12.90 19.26
C GLY B 22 -0.39 13.44 17.96
N HIS B 23 0.90 13.81 17.93
CA HIS B 23 1.57 14.22 16.69
C HIS B 23 1.98 12.98 15.89
N ARG B 24 1.49 12.90 14.67
CA ARG B 24 1.76 11.74 13.84
C ARG B 24 3.25 11.67 13.50
N PRO B 25 3.83 10.49 13.42
CA PRO B 25 5.26 10.41 13.07
C PRO B 25 5.62 11.17 11.81
N GLN B 26 4.72 11.17 10.82
CA GLN B 26 4.99 11.87 9.57
C GLN B 26 5.11 13.39 9.75
N ASN B 27 4.65 13.95 10.88
CA ASN B 27 4.86 15.38 11.15
C ASN B 27 6.33 15.75 11.22
N PHE B 28 7.23 14.79 11.45
CA PHE B 28 8.63 15.10 11.68
C PHE B 28 9.52 14.78 10.49
N ILE B 29 8.92 14.35 9.38
CA ILE B 29 9.66 14.23 8.14
C ILE B 29 10.05 15.63 7.68
N ARG B 30 11.31 15.82 7.33
CA ARG B 30 11.79 17.11 6.86
C ARG B 30 11.89 17.12 5.34
N ASP B 31 11.74 18.33 4.75
CA ASP B 31 11.76 18.53 3.30
C ASP B 31 10.62 17.74 2.65
N VAL B 32 9.39 18.05 3.08
CA VAL B 32 8.16 17.28 2.87
C VAL B 32 8.07 16.57 1.53
N ARG B 45 19.66 17.42 -9.65
CA ARG B 45 18.95 17.92 -10.82
C ARG B 45 18.39 19.31 -10.56
N GLU B 46 17.63 19.81 -11.55
CA GLU B 46 16.91 21.08 -11.49
C GLU B 46 16.15 21.24 -12.80
N LEU B 47 16.48 20.39 -13.77
CA LEU B 47 15.89 20.43 -15.10
C LEU B 47 14.54 19.73 -15.18
N ILE B 48 14.00 19.28 -14.04
CA ILE B 48 12.67 18.68 -14.04
C ILE B 48 11.63 19.78 -14.19
N ARG B 49 12.11 21.00 -14.42
CA ARG B 49 11.25 22.13 -14.73
C ARG B 49 11.11 22.37 -16.22
N LEU B 50 12.17 22.12 -17.01
CA LEU B 50 12.00 22.16 -18.47
C LEU B 50 11.03 21.08 -18.92
N LYS B 51 11.07 19.93 -18.26
CA LYS B 51 10.11 18.87 -18.54
C LYS B 51 8.69 19.32 -18.22
N ASP B 52 8.51 19.91 -17.04
CA ASP B 52 7.25 20.57 -16.69
C ASP B 52 6.78 21.48 -17.81
N GLU B 53 7.70 22.22 -18.44
CA GLU B 53 7.32 23.16 -19.49
C GLU B 53 6.88 22.43 -20.75
N LEU B 54 7.57 21.34 -21.09
CA LEU B 54 7.16 20.54 -22.25
C LEU B 54 5.79 19.93 -22.04
N ILE B 55 5.53 19.41 -20.84
CA ILE B 55 4.19 18.92 -20.53
C ILE B 55 3.16 20.01 -20.77
N ALA B 56 3.43 21.22 -20.29
CA ALA B 56 2.46 22.29 -20.43
C ALA B 56 2.25 22.68 -21.90
N LYS B 57 3.30 22.60 -22.72
CA LYS B 57 3.15 22.94 -24.14
C LYS B 57 2.32 21.89 -24.88
N SER B 58 2.61 20.60 -24.66
CA SER B 58 1.87 19.60 -25.40
C SER B 58 0.49 19.32 -24.82
N ASN B 59 0.15 19.87 -23.65
CA ASN B 59 -1.16 19.63 -23.03
C ASN B 59 -2.29 20.03 -23.96
N THR B 60 -3.26 19.13 -24.13
CA THR B 60 -4.50 19.47 -24.81
C THR B 60 -5.29 20.47 -23.96
N PRO B 61 -6.21 21.20 -24.59
CA PRO B 61 -7.13 22.01 -23.81
C PRO B 61 -7.87 21.14 -22.81
N PRO B 62 -8.16 21.68 -21.62
CA PRO B 62 -8.97 20.91 -20.68
C PRO B 62 -10.34 20.62 -21.27
N MET B 63 -10.78 19.38 -21.12
CA MET B 63 -12.11 19.00 -21.57
C MET B 63 -12.80 18.27 -20.43
N TYR B 64 -14.11 18.36 -20.41
CA TYR B 64 -14.83 17.96 -19.22
C TYR B 64 -16.27 17.67 -19.60
N LEU B 65 -16.88 16.71 -18.90
CA LEU B 65 -18.23 16.27 -19.21
C LEU B 65 -18.96 15.90 -17.94
N GLN B 66 -20.09 16.56 -17.70
CA GLN B 66 -20.99 16.13 -16.64
C GLN B 66 -21.66 14.83 -17.08
N ALA B 67 -21.58 13.81 -16.24
CA ALA B 67 -22.18 12.52 -16.57
C ALA B 67 -22.37 11.74 -15.28
N ASP B 68 -23.54 11.14 -15.11
CA ASP B 68 -23.73 10.23 -13.99
C ASP B 68 -23.16 8.88 -14.42
N ILE B 69 -22.00 8.53 -13.87
CA ILE B 69 -21.21 7.41 -14.40
C ILE B 69 -21.90 6.06 -14.20
N GLU B 70 -22.76 5.95 -13.17
CA GLU B 70 -23.50 4.70 -12.97
C GLU B 70 -24.53 4.46 -14.08
N ALA B 71 -25.03 5.52 -14.70
CA ALA B 71 -25.99 5.43 -15.80
C ALA B 71 -25.36 5.64 -17.16
N PHE B 72 -24.16 6.20 -17.19
CA PHE B 72 -23.52 6.60 -18.43
C PHE B 72 -22.90 5.38 -19.09
N ASP B 73 -23.07 5.27 -20.41
CA ASP B 73 -22.40 4.20 -21.14
C ASP B 73 -20.96 4.63 -21.39
N ILE B 74 -20.03 3.99 -20.69
CA ILE B 74 -18.64 4.42 -20.69
C ILE B 74 -18.05 4.38 -22.10
N ARG B 75 -18.57 3.52 -22.98
CA ARG B 75 -18.02 3.42 -24.34
C ARG B 75 -18.20 4.71 -25.14
N GLU B 76 -19.13 5.59 -24.73
CA GLU B 76 -19.28 6.88 -25.41
C GLU B 76 -18.03 7.73 -25.32
N LEU B 77 -17.12 7.38 -24.41
CA LEU B 77 -15.92 8.17 -24.15
C LEU B 77 -14.80 7.62 -25.01
N THR B 78 -14.53 8.28 -26.13
CA THR B 78 -13.49 7.87 -27.05
C THR B 78 -12.58 9.06 -27.31
N PRO B 79 -11.34 8.81 -27.79
CA PRO B 79 -10.78 7.48 -28.09
C PRO B 79 -10.28 6.79 -26.82
N LYS B 80 -9.60 5.65 -26.96
CA LYS B 80 -9.13 4.94 -25.78
C LYS B 80 -8.02 5.73 -25.11
N PHE B 81 -7.95 5.63 -23.79
CA PHE B 81 -7.09 6.51 -23.01
C PHE B 81 -5.75 5.87 -22.70
N ASP B 82 -4.70 6.71 -22.67
CA ASP B 82 -3.39 6.24 -22.27
C ASP B 82 -3.26 6.15 -20.75
N VAL B 83 -3.95 7.02 -20.03
CA VAL B 83 -3.92 7.01 -18.58
C VAL B 83 -5.33 7.32 -18.08
N ILE B 84 -5.75 6.61 -17.03
CA ILE B 84 -7.05 6.79 -16.42
C ILE B 84 -6.83 7.02 -14.95
N LEU B 85 -7.30 8.14 -14.44
CA LEU B 85 -7.30 8.46 -13.01
C LEU B 85 -8.72 8.28 -12.51
N LEU B 86 -8.89 7.40 -11.54
CA LEU B 86 -10.21 6.94 -11.14
C LEU B 86 -10.33 7.20 -9.65
N GLU B 87 -11.29 8.06 -9.29
CA GLU B 87 -11.38 8.63 -7.94
C GLU B 87 -12.81 8.48 -7.41
N PRO B 88 -13.30 7.26 -7.30
CA PRO B 88 -14.70 7.07 -6.87
C PRO B 88 -14.89 7.57 -5.45
N PRO B 89 -15.99 8.28 -5.20
CA PRO B 89 -16.27 8.77 -3.85
C PRO B 89 -16.65 7.66 -2.85
N LEU B 90 -15.66 7.14 -2.15
CA LEU B 90 -15.89 6.08 -1.18
C LEU B 90 -16.63 6.60 0.07
N GLU B 91 -17.43 5.71 0.67
CA GLU B 91 -18.12 6.04 1.92
C GLU B 91 -17.15 6.54 2.98
N GLU B 92 -16.00 5.87 3.12
CA GLU B 92 -15.05 6.25 4.17
C GLU B 92 -14.62 7.71 4.07
N TYR B 93 -14.73 8.34 2.90
CA TYR B 93 -14.33 9.74 2.77
C TYR B 93 -15.22 10.72 3.52
N TYR B 94 -16.36 10.28 4.05
CA TYR B 94 -17.33 11.17 4.70
C TYR B 94 -17.51 10.74 6.16
N ARG B 95 -16.87 11.50 7.07
CA ARG B 95 -16.94 11.28 8.53
C ARG B 95 -16.87 9.80 8.94
N LYS B 104 -23.69 11.15 -3.20
CA LYS B 104 -23.94 9.74 -3.52
C LYS B 104 -22.61 8.94 -3.52
N CYS B 105 -22.47 8.05 -2.54
CA CYS B 105 -21.24 7.31 -2.35
C CYS B 105 -21.21 6.05 -3.22
N TRP B 106 -20.01 5.66 -3.63
CA TRP B 106 -19.81 4.48 -4.46
C TRP B 106 -19.21 3.36 -3.60
N THR B 107 -19.79 2.17 -3.68
CA THR B 107 -19.20 1.00 -3.05
C THR B 107 -18.24 0.31 -4.02
N TRP B 108 -17.41 -0.56 -3.44
CA TRP B 108 -16.52 -1.34 -4.29
C TRP B 108 -17.33 -2.27 -5.21
N ASP B 109 -18.54 -2.63 -4.78
CA ASP B 109 -19.47 -3.35 -5.65
C ASP B 109 -19.74 -2.56 -6.92
N ASP B 110 -20.11 -1.27 -6.79
CA ASP B 110 -20.35 -0.43 -7.95
C ASP B 110 -19.08 -0.21 -8.76
N ILE B 111 -17.96 0.03 -8.09
CA ILE B 111 -16.73 0.36 -8.81
C ILE B 111 -16.27 -0.82 -9.65
N MET B 112 -16.30 -2.01 -9.05
CA MET B 112 -15.89 -3.23 -9.73
C MET B 112 -16.73 -3.51 -10.97
N LYS B 113 -17.93 -2.95 -11.07
CA LYS B 113 -18.78 -3.20 -12.23
C LYS B 113 -18.59 -2.18 -13.33
N LEU B 114 -17.72 -1.18 -13.13
CA LEU B 114 -17.38 -0.25 -14.21
C LEU B 114 -16.65 -1.00 -15.32
N GLU B 115 -16.94 -0.65 -16.57
CA GLU B 115 -16.35 -1.37 -17.69
C GLU B 115 -15.05 -0.70 -18.14
N ILE B 116 -14.13 -0.53 -17.18
CA ILE B 116 -12.94 0.29 -17.42
C ILE B 116 -12.14 -0.24 -18.59
N ASP B 117 -12.07 -1.56 -18.74
CA ASP B 117 -11.29 -2.15 -19.83
C ASP B 117 -11.85 -1.82 -21.22
N GLU B 118 -13.10 -1.37 -21.32
CA GLU B 118 -13.66 -1.02 -22.61
C GLU B 118 -13.16 0.33 -23.12
N ILE B 119 -12.54 1.16 -22.27
CA ILE B 119 -12.04 2.46 -22.71
C ILE B 119 -10.54 2.62 -22.54
N ALA B 120 -9.84 1.63 -21.99
CA ALA B 120 -8.40 1.74 -21.82
C ALA B 120 -7.70 1.30 -23.10
N ALA B 121 -6.66 2.03 -23.48
CA ALA B 121 -5.90 1.61 -24.65
C ALA B 121 -5.13 0.33 -24.32
N PRO B 122 -4.82 -0.49 -25.33
CA PRO B 122 -4.11 -1.76 -25.07
C PRO B 122 -2.82 -1.60 -24.28
N ARG B 123 -2.08 -0.52 -24.50
CA ARG B 123 -1.00 -0.11 -23.62
C ARG B 123 -1.54 1.09 -22.88
N SER B 124 -1.64 1.00 -21.54
CA SER B 124 -2.17 2.12 -20.78
C SER B 124 -1.95 1.88 -19.30
N PHE B 125 -2.29 2.91 -18.54
CA PHE B 125 -2.03 3.00 -17.12
C PHE B 125 -3.29 3.43 -16.41
N ILE B 126 -3.40 3.03 -15.15
CA ILE B 126 -4.52 3.41 -14.33
C ILE B 126 -3.99 3.82 -12.97
N PHE B 127 -4.59 4.86 -12.41
CA PHE B 127 -4.29 5.31 -11.06
C PHE B 127 -5.60 5.33 -10.32
N LEU B 128 -5.70 4.47 -9.32
CA LEU B 128 -6.94 4.20 -8.61
C LEU B 128 -6.77 4.57 -7.15
N TRP B 129 -7.49 5.60 -6.70
CA TRP B 129 -7.54 5.97 -5.28
C TRP B 129 -8.39 4.94 -4.53
N CYS B 130 -7.79 4.23 -3.58
CA CYS B 130 -8.40 3.09 -2.91
C CYS B 130 -8.72 3.35 -1.45
N GLY B 131 -8.42 4.54 -0.94
CA GLY B 131 -8.68 4.80 0.46
C GLY B 131 -7.68 4.15 1.39
N SER B 132 -8.17 3.68 2.52
CA SER B 132 -7.28 3.11 3.53
C SER B 132 -7.82 1.82 4.12
N GLY B 133 -8.97 1.32 3.65
CA GLY B 133 -9.56 0.13 4.23
C GLY B 133 -9.65 -1.03 3.26
N GLU B 134 -10.85 -1.61 3.12
CA GLU B 134 -11.04 -2.73 2.21
C GLU B 134 -10.63 -2.42 0.76
N GLY B 135 -10.59 -1.14 0.39
CA GLY B 135 -10.19 -0.77 -0.97
C GLY B 135 -8.78 -1.22 -1.35
N LEU B 136 -7.91 -1.39 -0.36
CA LEU B 136 -6.55 -1.84 -0.67
C LEU B 136 -6.57 -3.24 -1.25
N ASP B 137 -7.62 -4.02 -0.98
CA ASP B 137 -7.80 -5.36 -1.51
C ASP B 137 -8.75 -5.36 -2.72
N LEU B 138 -9.88 -4.66 -2.60
CA LEU B 138 -10.86 -4.65 -3.68
C LEU B 138 -10.38 -3.84 -4.86
N GLY B 139 -9.58 -2.80 -4.62
CA GLY B 139 -8.98 -2.09 -5.73
C GLY B 139 -8.00 -2.96 -6.49
N ARG B 140 -7.28 -3.82 -5.78
CA ARG B 140 -6.42 -4.79 -6.47
C ARG B 140 -7.25 -5.75 -7.33
N VAL B 141 -8.40 -6.21 -6.79
CA VAL B 141 -9.29 -7.06 -7.58
C VAL B 141 -9.72 -6.32 -8.85
N CYS B 142 -10.13 -5.05 -8.70
CA CYS B 142 -10.57 -4.26 -9.84
C CYS B 142 -9.48 -4.18 -10.89
N LEU B 143 -8.25 -3.89 -10.46
CA LEU B 143 -7.15 -3.77 -11.40
C LEU B 143 -6.99 -5.05 -12.21
N ARG B 144 -6.95 -6.19 -11.52
CA ARG B 144 -6.86 -7.46 -12.24
C ARG B 144 -8.09 -7.67 -13.12
N LYS B 145 -9.27 -7.30 -12.61
CA LYS B 145 -10.49 -7.52 -13.40
C LYS B 145 -10.43 -6.75 -14.71
N TRP B 146 -9.88 -5.54 -14.69
CA TRP B 146 -9.81 -4.69 -15.87
C TRP B 146 -8.58 -4.94 -16.72
N GLY B 147 -7.74 -5.91 -16.36
CA GLY B 147 -6.62 -6.28 -17.19
C GLY B 147 -5.31 -5.62 -16.85
N TYR B 148 -5.20 -5.01 -15.69
CA TYR B 148 -3.92 -4.42 -15.29
C TYR B 148 -3.20 -5.30 -14.28
N ARG B 149 -1.89 -5.09 -14.19
CA ARG B 149 -1.11 -5.51 -13.04
C ARG B 149 -0.62 -4.26 -12.30
N ARG B 150 -0.53 -4.36 -10.98
CA ARG B 150 -0.10 -3.22 -10.18
C ARG B 150 1.40 -3.08 -10.26
N CYS B 151 1.87 -1.88 -10.59
CA CYS B 151 3.31 -1.66 -10.62
C CYS B 151 3.81 -0.72 -9.54
N GLU B 152 2.95 0.14 -8.97
CA GLU B 152 3.35 0.99 -7.85
C GLU B 152 2.20 1.18 -6.88
N ASP B 153 2.56 1.39 -5.64
CA ASP B 153 1.63 1.69 -4.55
C ASP B 153 2.03 3.09 -4.05
N ILE B 154 1.25 4.09 -4.40
CA ILE B 154 1.57 5.48 -4.05
C ILE B 154 0.79 5.83 -2.77
N CYS B 155 1.52 6.22 -1.73
N CYS B 155 1.51 6.21 -1.71
CA CYS B 155 0.92 6.47 -0.43
CA CYS B 155 0.91 6.47 -0.41
C CYS B 155 0.83 7.97 -0.18
C CYS B 155 0.82 7.96 -0.16
N TRP B 156 -0.39 8.43 0.12
CA TRP B 156 -0.65 9.82 0.52
C TRP B 156 -0.67 9.83 2.04
N ILE B 157 0.42 10.28 2.63
CA ILE B 157 0.57 10.31 4.07
C ILE B 157 0.12 11.68 4.58
N LYS B 158 -0.84 11.67 5.52
CA LYS B 158 -1.45 12.91 6.00
C LYS B 158 -0.89 13.30 7.36
N THR B 159 -0.24 14.46 7.42
CA THR B 159 0.25 15.01 8.69
C THR B 159 -0.89 15.72 9.43
N ASN B 160 -0.75 15.82 10.75
CA ASN B 160 -1.69 16.55 11.60
C ASN B 160 -0.99 17.65 12.41
N LYS B 161 -0.08 18.40 11.77
CA LYS B 161 0.67 19.43 12.49
C LYS B 161 -0.23 20.51 13.07
N ASN B 162 -1.33 20.82 12.39
CA ASN B 162 -2.25 21.83 12.87
C ASN B 162 -3.24 21.31 13.90
N ASN B 163 -3.31 20.00 14.11
CA ASN B 163 -4.33 19.53 15.04
C ASN B 163 -3.96 18.20 15.69
N PRO B 164 -2.84 18.11 16.44
CA PRO B 164 -2.54 16.91 17.22
C PRO B 164 -3.69 16.52 18.15
N GLY B 165 -3.72 15.25 18.53
N LEU B 170 -10.96 4.43 13.76
CA LEU B 170 -12.36 4.53 14.18
C LEU B 170 -13.25 3.54 13.41
N ASP B 171 -12.76 2.97 12.29
CA ASP B 171 -13.41 1.82 11.68
C ASP B 171 -13.28 0.63 12.62
N PRO B 172 -14.36 -0.13 12.87
CA PRO B 172 -14.30 -1.22 13.87
C PRO B 172 -13.21 -2.25 13.62
N LYS B 173 -12.93 -2.58 12.36
CA LYS B 173 -11.88 -3.56 12.05
C LYS B 173 -10.48 -2.99 12.20
N ALA B 174 -10.33 -1.67 12.30
CA ALA B 174 -9.00 -1.07 12.34
C ALA B 174 -8.22 -1.53 13.57
N VAL B 175 -6.93 -1.77 13.37
CA VAL B 175 -6.03 -2.12 14.45
C VAL B 175 -5.31 -0.84 14.85
N PHE B 176 -5.11 0.04 13.87
CA PHE B 176 -4.36 1.26 14.07
C PHE B 176 -5.16 2.45 13.55
N GLN B 177 -4.77 3.63 14.02
CA GLN B 177 -5.30 4.86 13.46
C GLN B 177 -4.82 5.01 12.03
N ARG B 178 -5.76 5.22 11.11
CA ARG B 178 -5.44 5.31 9.70
C ARG B 178 -5.13 6.75 9.31
N THR B 179 -3.89 6.99 8.85
CA THR B 179 -3.41 8.33 8.57
C THR B 179 -2.91 8.49 7.14
N LYS B 180 -3.33 7.62 6.23
CA LYS B 180 -2.86 7.69 4.86
C LYS B 180 -3.93 7.11 3.92
N GLU B 181 -3.77 7.39 2.63
CA GLU B 181 -4.61 6.80 1.59
C GLU B 181 -3.68 6.24 0.52
N HIS B 182 -4.12 5.19 -0.17
CA HIS B 182 -3.31 4.60 -1.23
C HIS B 182 -3.92 4.88 -2.61
N CYS B 183 -3.06 5.20 -3.57
CA CYS B 183 -3.42 5.32 -4.97
C CYS B 183 -2.60 4.29 -5.70
N LEU B 184 -3.26 3.24 -6.22
CA LEU B 184 -2.56 2.14 -6.86
C LEU B 184 -2.37 2.43 -8.35
N MET B 185 -1.16 2.16 -8.84
CA MET B 185 -0.83 2.36 -10.24
C MET B 185 -0.82 1.01 -10.96
N GLY B 186 -1.54 0.93 -12.07
CA GLY B 186 -1.68 -0.29 -12.84
C GLY B 186 -1.20 -0.06 -14.25
N ILE B 187 -0.59 -1.08 -14.83
CA ILE B 187 -0.11 -1.04 -16.21
C ILE B 187 -0.78 -2.17 -16.98
N LYS B 188 -1.10 -1.93 -18.24
CA LYS B 188 -1.61 -2.99 -19.10
C LYS B 188 -0.92 -2.85 -20.45
N GLY B 189 -0.53 -3.98 -21.02
CA GLY B 189 0.22 -4.00 -22.26
C GLY B 189 1.73 -3.95 -22.00
N THR B 190 2.45 -3.55 -23.04
CA THR B 190 3.90 -3.30 -22.92
C THR B 190 4.21 -1.81 -23.01
N VAL B 204 12.04 9.91 -11.53
CA VAL B 204 12.23 11.19 -10.85
C VAL B 204 11.46 11.29 -9.52
N ASP B 205 10.28 10.67 -9.47
CA ASP B 205 9.37 10.85 -8.36
C ASP B 205 9.46 9.70 -7.37
N ILE B 206 9.14 10.00 -6.12
CA ILE B 206 9.02 9.02 -5.06
C ILE B 206 7.57 8.56 -4.95
N ASP B 207 7.33 7.40 -4.32
CA ASP B 207 5.99 6.85 -4.21
C ASP B 207 5.26 7.32 -2.94
N LEU B 208 5.54 8.54 -2.46
CA LEU B 208 4.90 9.13 -1.29
C LEU B 208 4.46 10.54 -1.62
N ILE B 209 3.31 10.93 -1.11
CA ILE B 209 2.87 12.32 -1.09
C ILE B 209 2.59 12.67 0.36
N ILE B 210 3.15 13.79 0.82
CA ILE B 210 2.98 14.20 2.22
C ILE B 210 2.35 15.59 2.22
N THR B 211 1.13 15.68 2.74
CA THR B 211 0.45 16.94 2.96
C THR B 211 -0.32 16.87 4.26
N GLU B 212 -0.78 18.04 4.73
CA GLU B 212 -1.59 18.08 5.93
C GLU B 212 -2.95 17.47 5.65
N GLU B 213 -3.51 16.82 6.67
CA GLU B 213 -4.83 16.23 6.57
C GLU B 213 -5.86 17.31 6.29
N PRO B 214 -6.59 17.25 5.17
CA PRO B 214 -7.55 18.31 4.86
C PRO B 214 -8.65 18.38 5.91
N GLU B 215 -9.33 19.53 5.92
CA GLU B 215 -10.46 19.75 6.81
C GLU B 215 -11.49 18.66 6.65
N ILE B 216 -12.19 18.33 7.73
CA ILE B 216 -13.18 17.25 7.66
C ILE B 216 -14.26 17.61 6.65
N GLY B 217 -14.66 16.62 5.86
CA GLY B 217 -15.60 16.82 4.77
C GLY B 217 -14.99 17.26 3.46
N ASN B 218 -13.69 17.56 3.42
CA ASN B 218 -12.99 17.85 2.18
C ASN B 218 -12.49 16.53 1.59
N ILE B 219 -12.99 16.17 0.41
CA ILE B 219 -12.64 14.89 -0.18
C ILE B 219 -11.51 15.00 -1.18
N GLU B 220 -11.00 16.20 -1.44
CA GLU B 220 -10.01 16.38 -2.50
C GLU B 220 -8.77 15.54 -2.24
N LYS B 221 -8.20 15.02 -3.30
CA LYS B 221 -6.91 14.37 -3.18
C LYS B 221 -5.81 15.35 -3.56
N PRO B 222 -4.58 15.11 -3.11
CA PRO B 222 -3.49 16.06 -3.40
C PRO B 222 -3.20 16.18 -4.90
N VAL B 223 -3.13 17.44 -5.36
CA VAL B 223 -2.84 17.72 -6.76
C VAL B 223 -1.49 17.16 -7.18
N GLU B 224 -0.57 16.94 -6.22
CA GLU B 224 0.70 16.27 -6.48
C GLU B 224 0.55 15.00 -7.33
N ILE B 225 -0.60 14.30 -7.21
CA ILE B 225 -0.77 13.05 -7.96
C ILE B 225 -0.74 13.32 -9.47
N PHE B 226 -1.33 14.45 -9.90
CA PHE B 226 -1.24 14.81 -11.31
C PHE B 226 0.21 15.02 -11.73
N HIS B 227 1.03 15.58 -10.84
CA HIS B 227 2.42 15.81 -11.17
C HIS B 227 3.14 14.49 -11.38
N ILE B 228 2.96 13.55 -10.45
CA ILE B 228 3.55 12.22 -10.60
C ILE B 228 3.11 11.59 -11.94
N ILE B 229 1.81 11.63 -12.22
CA ILE B 229 1.31 11.00 -13.46
C ILE B 229 1.92 11.65 -14.68
N GLU B 230 1.82 12.98 -14.76
CA GLU B 230 2.27 13.70 -15.93
C GLU B 230 3.78 13.55 -16.15
N HIS B 231 4.56 13.49 -15.06
CA HIS B 231 6.00 13.28 -15.19
C HIS B 231 6.36 11.91 -15.75
N PHE B 232 5.44 10.94 -15.73
CA PHE B 232 5.76 9.64 -16.34
C PHE B 232 5.84 9.70 -17.87
N CYS B 233 5.20 10.67 -18.51
CA CYS B 233 5.21 10.79 -19.98
C CYS B 233 4.59 9.56 -20.65
N LEU B 234 3.34 9.28 -20.29
CA LEU B 234 2.66 8.05 -20.71
C LEU B 234 1.78 8.22 -21.94
N GLY B 235 1.69 9.41 -22.50
CA GLY B 235 0.72 9.69 -23.53
C GLY B 235 -0.21 10.81 -23.14
N ARG B 236 -0.97 11.25 -24.12
CA ARG B 236 -1.72 12.48 -23.98
C ARG B 236 -3.21 12.28 -23.77
N ARG B 237 -3.73 11.07 -23.96
CA ARG B 237 -5.14 10.79 -23.74
CA ARG B 237 -5.14 10.78 -23.75
C ARG B 237 -5.32 10.46 -22.26
N ARG B 238 -5.71 11.47 -21.47
CA ARG B 238 -5.76 11.36 -20.02
C ARG B 238 -7.16 11.59 -19.53
N LEU B 239 -7.71 10.60 -18.84
CA LEU B 239 -9.08 10.60 -18.36
C LEU B 239 -9.09 10.61 -16.84
N HIS B 240 -9.94 11.45 -16.25
CA HIS B 240 -10.14 11.50 -14.81
C HIS B 240 -11.61 11.24 -14.53
N LEU B 241 -11.91 10.03 -14.09
CA LEU B 241 -13.29 9.68 -13.74
C LEU B 241 -13.57 10.07 -12.31
N PHE B 242 -14.75 10.68 -12.09
CA PHE B 242 -15.19 11.24 -10.82
C PHE B 242 -14.40 12.48 -10.42
N GLY B 243 -13.82 13.18 -11.39
CA GLY B 243 -13.32 14.52 -11.15
C GLY B 243 -14.45 15.50 -10.91
N ARG B 244 -14.07 16.74 -10.62
CA ARG B 244 -15.03 17.78 -10.25
C ARG B 244 -14.63 19.08 -10.96
N ASP B 245 -15.48 20.11 -10.83
CA ASP B 245 -15.11 21.42 -11.35
C ASP B 245 -13.74 21.82 -10.86
N SER B 246 -13.47 21.60 -9.55
CA SER B 246 -12.23 21.99 -8.92
C SER B 246 -11.03 21.18 -9.37
N THR B 247 -11.20 20.09 -10.12
CA THR B 247 -10.04 19.32 -10.53
C THR B 247 -9.75 19.42 -12.02
N ILE B 248 -10.56 20.17 -12.76
CA ILE B 248 -10.34 20.29 -14.20
C ILE B 248 -8.97 20.90 -14.45
N ARG B 249 -8.31 20.41 -15.49
CA ARG B 249 -6.88 20.61 -15.62
C ARG B 249 -6.51 20.50 -17.08
N PRO B 250 -5.63 21.35 -17.60
CA PRO B 250 -5.14 21.16 -18.98
C PRO B 250 -4.51 19.79 -19.11
N GLY B 251 -4.59 19.25 -20.31
CA GLY B 251 -4.07 17.90 -20.55
C GLY B 251 -5.01 16.78 -20.14
N TRP B 252 -6.18 17.09 -19.60
CA TRP B 252 -7.05 16.08 -19.02
C TRP B 252 -8.48 16.25 -19.53
N LEU B 253 -9.12 15.12 -19.76
CA LEU B 253 -10.57 15.01 -19.89
C LEU B 253 -11.15 14.56 -18.55
N THR B 254 -11.98 15.41 -17.95
CA THR B 254 -12.57 15.17 -16.64
C THR B 254 -14.03 14.79 -16.82
N VAL B 255 -14.44 13.68 -16.20
CA VAL B 255 -15.83 13.20 -16.31
C VAL B 255 -16.37 12.90 -14.91
N GLY B 256 -17.56 13.41 -14.62
CA GLY B 256 -18.07 13.26 -13.28
C GLY B 256 -19.46 13.82 -13.06
N PRO B 257 -20.14 13.32 -12.02
CA PRO B 257 -21.56 13.67 -11.84
C PRO B 257 -21.82 15.07 -11.30
N THR B 258 -20.85 15.70 -10.66
CA THR B 258 -21.05 17.02 -10.08
C THR B 258 -20.50 18.16 -10.93
N LEU B 259 -19.91 17.87 -12.10
CA LEU B 259 -19.53 18.97 -12.99
C LEU B 259 -20.76 19.81 -13.30
N THR B 260 -20.59 21.14 -13.29
CA THR B 260 -21.70 22.04 -13.59
C THR B 260 -21.78 22.39 -15.07
N ASN B 261 -20.74 22.09 -15.84
CA ASN B 261 -20.64 22.50 -17.22
C ASN B 261 -19.93 21.41 -17.99
N SER B 262 -20.25 21.30 -19.27
CA SER B 262 -19.58 20.35 -20.15
C SER B 262 -19.07 21.07 -21.39
N ASN B 263 -17.95 20.60 -21.92
CA ASN B 263 -17.50 21.05 -23.23
C ASN B 263 -17.04 19.87 -24.08
N TYR B 264 -17.33 18.65 -23.66
CA TYR B 264 -16.79 17.46 -24.32
C TYR B 264 -17.46 17.22 -25.66
N ASN B 265 -16.65 17.11 -26.70
CA ASN B 265 -17.10 16.65 -28.01
C ASN B 265 -16.13 15.60 -28.49
N ALA B 266 -16.63 14.36 -28.65
CA ALA B 266 -15.78 13.23 -28.99
C ALA B 266 -14.96 13.47 -30.24
N GLU B 267 -15.55 14.14 -31.24
CA GLU B 267 -14.81 14.39 -32.47
C GLU B 267 -13.76 15.48 -32.27
N THR B 268 -14.12 16.55 -31.57
CA THR B 268 -13.11 17.55 -31.20
C THR B 268 -11.99 16.94 -30.37
N TYR B 269 -12.35 16.14 -29.36
CA TYR B 269 -11.34 15.52 -28.51
C TYR B 269 -10.38 14.66 -29.33
N ALA B 270 -10.93 13.80 -30.20
CA ALA B 270 -10.09 12.95 -31.05
C ALA B 270 -9.16 13.75 -31.95
N SER B 271 -9.60 14.95 -32.37
CA SER B 271 -8.76 15.73 -33.28
C SER B 271 -7.46 16.21 -32.64
N TYR B 272 -7.34 16.15 -31.31
CA TYR B 272 -6.08 16.52 -30.66
C TYR B 272 -5.00 15.46 -30.84
N PHE B 273 -5.38 14.23 -31.14
CA PHE B 273 -4.43 13.13 -31.24
C PHE B 273 -4.35 12.56 -32.65
N SER B 274 -4.99 13.19 -33.63
CA SER B 274 -4.84 12.74 -35.01
C SER B 274 -3.44 13.08 -35.51
N ALA B 275 -2.96 12.28 -36.47
CA ALA B 275 -1.63 12.47 -37.04
C ALA B 275 -1.40 13.94 -37.39
N PRO B 276 -0.19 14.47 -37.20
CA PRO B 276 1.05 13.80 -36.77
C PRO B 276 1.19 13.49 -35.28
N ASN B 277 0.13 13.62 -34.48
CA ASN B 277 0.28 13.71 -33.03
C ASN B 277 -0.14 12.43 -32.31
N SER B 278 -0.31 11.32 -33.03
CA SER B 278 -1.01 10.15 -32.45
C SER B 278 -0.28 9.53 -31.26
N TYR B 279 1.06 9.54 -31.25
CA TYR B 279 1.81 8.73 -30.30
C TYR B 279 2.70 9.55 -29.38
N LEU B 280 2.45 10.85 -29.25
CA LEU B 280 3.32 11.67 -28.41
C LEU B 280 3.22 11.23 -26.95
N THR B 281 4.31 11.43 -26.21
CA THR B 281 4.33 11.10 -24.80
C THR B 281 3.71 12.20 -23.94
N GLY B 282 3.56 13.40 -24.49
CA GLY B 282 3.23 14.55 -23.68
C GLY B 282 4.44 15.23 -23.08
N CYS B 283 5.65 14.69 -23.30
CA CYS B 283 6.88 15.26 -22.77
C CYS B 283 7.83 15.72 -23.87
N THR B 284 7.32 15.92 -25.09
CA THR B 284 8.16 16.33 -26.21
C THR B 284 7.56 17.57 -26.87
N GLU B 285 8.38 18.23 -27.70
CA GLU B 285 7.99 19.48 -28.34
C GLU B 285 6.80 19.27 -29.28
N GLU B 286 6.12 20.38 -29.59
CA GLU B 286 5.10 20.33 -30.63
C GLU B 286 5.71 19.92 -31.97
N ILE B 287 4.87 19.41 -32.86
CA ILE B 287 5.29 19.00 -34.20
C ILE B 287 4.90 20.11 -35.18
N GLU B 288 5.90 20.70 -35.84
CA GLU B 288 5.68 21.88 -36.67
C GLU B 288 4.64 21.64 -37.76
N ARG B 289 3.82 22.67 -38.01
CA ARG B 289 2.79 22.65 -39.05
C ARG B 289 2.88 23.93 -39.88
N LEU B 290 2.31 23.87 -41.08
CA LEU B 290 2.31 24.98 -42.06
C LEU B 290 3.71 25.57 -42.31
C10 VAT C . 12.87 -8.75 3.15
C13 VAT C . 11.76 -6.62 3.65
C15 VAT C . 13.15 -4.82 4.88
C17 VAT C . 11.63 -4.78 6.83
C20 VAT C . 16.07 -10.54 4.46
C22 VAT C . 17.92 -15.29 6.26
C24 VAT C . 16.74 -17.15 4.83
C02 VAT C . 16.88 -15.52 7.38
C03 VAT C . 16.70 -14.18 8.12
C05 VAT C . 16.43 -12.33 6.41
C06 VAT C . 15.50 -11.35 5.52
C07 VAT C . 14.11 -11.33 5.76
C08 VAT C . 13.28 -10.48 4.96
C09 VAT C . 13.83 -9.66 3.91
C12 VAT C . 13.17 -7.32 5.07
C14 VAT C . 12.28 -6.09 4.99
C16 VAT C . 12.47 -3.89 5.85
C18 VAT C . 11.17 -5.99 6.04
C19 VAT C . 15.23 -9.68 3.64
C23 VAT C . 18.10 -16.56 5.42
C25 VAT C . 15.52 -15.97 6.67
C27 VAT C . 15.02 -18.62 6.40
C29 VAT C . 14.34 -20.06 8.20
C31 VAT C . 13.98 -20.87 5.93
C33 VAT C . 13.73 -22.17 3.49
C34 VAT C . 15.30 -22.31 2.89
C35 VAT C . 15.53 -22.05 1.48
C36 VAT C . 16.86 -22.16 0.92
C37 VAT C . 17.97 -22.53 1.77
C38 VAT C . 17.75 -22.79 3.17
C39 VAT C . 16.42 -22.68 3.74
C40 VAT C . 14.57 -19.60 5.44
N04 VAT C . 15.88 -13.26 7.32
N11 VAT C . 12.13 -8.01 4.16
N26 VAT C . 15.62 -17.27 5.88
N28 VAT C . 14.89 -18.88 7.76
N30 VAT C . 13.89 -21.04 7.32
N32 VAT C . 13.49 -21.94 4.99
O01 VAT C . 17.39 -16.41 8.30
O21 VAT C . 17.66 -12.27 6.32
C ACT D . -2.20 -7.13 -9.31
O ACT D . -1.24 -6.77 -10.04
OXT ACT D . -2.46 -8.27 -8.88
CH3 ACT D . -3.24 -6.03 -8.90
#